data_4CYQ
#
_entry.id   4CYQ
#
_cell.length_a   47.997
_cell.length_b   92.029
_cell.length_c   53.272
_cell.angle_alpha   90.00
_cell.angle_beta   113.10
_cell.angle_gamma   90.00
#
_symmetry.space_group_name_H-M   'P 1 21 1'
#
loop_
_entity.id
_entity.type
_entity.pdbx_description
1 polymer 'GLYCYLPEPTIDE N-TETRADECANOYLTRANSFERASE'
2 non-polymer 'MAGNESIUM ION'
3 non-polymer N-{2-chloro-5-[(3S,4R)-1-[(3R)-4-(4-chlorophenyl)-3-hydroxybutanoyl]-4-(hydroxymethyl)pyrrolidin-3-yl]phenyl}-2-(4-fluorophenyl)acetamide
4 non-polymer TETRADECANOYL-COA
5 water water
#
_entity_poly.entity_id   1
_entity_poly.type   'polypeptide(L)'
_entity_poly.pdbx_seq_one_letter_code
;AHAFWSTQPVPQTEDETEKIVFAGPMDEPKTVADIPEEPYPIASTFEWWTPNMEAADDIHAIYELLRDNYVEDDDSMFRF
NYSEEFLQWALCPPNYIPDWHVAVRRKADKKLLAFIAGVPVTLRMGTPKYMKVKAQEKGEGEEAAKYDEPRHICEINFLC
VHKQLREKRLAPILIKEATRRVNRTNVWQAVYTAGVLLPTPYASGQYFHRSLNPEKLVEIRFSGIPAQYQKFQNPMAMLK
RNYQLPSAPKNSGLREMKPSDVPQVRRILMNYLDSFDVGPVFSDAEISHYLLPRDGVVFTYVVENDKKVTDFFSFYRIPS
TVIGNSNYNLLNAAYVHYYAATSIPLHQLILDLLIVAHSRGFDVCNMVEILDNRSFVEQLKFGAGDGHLRYYFYNWAYPK
IKPSQVALVML
;
_entity_poly.pdbx_strand_id   A
#
# COMPACT_ATOMS: atom_id res chain seq x y z
N ALA A 1 -16.99 8.32 21.62
CA ALA A 1 -15.79 7.40 21.59
C ALA A 1 -14.75 7.97 20.59
N HIS A 2 -15.22 8.62 19.51
CA HIS A 2 -14.27 9.21 18.56
C HIS A 2 -14.54 10.70 18.35
N ALA A 3 -13.90 11.54 19.14
CA ALA A 3 -14.17 12.92 19.11
C ALA A 3 -13.85 13.51 17.73
N PHE A 4 -12.80 13.01 17.06
CA PHE A 4 -12.51 13.50 15.71
C PHE A 4 -13.31 12.81 14.67
N TRP A 5 -13.29 11.44 14.58
CA TRP A 5 -13.91 10.75 13.45
C TRP A 5 -15.42 10.86 13.41
N SER A 6 -16.01 11.16 14.56
CA SER A 6 -17.46 11.40 14.57
C SER A 6 -17.92 12.71 13.91
N THR A 7 -17.01 13.63 13.64
CA THR A 7 -17.31 14.88 12.94
C THR A 7 -17.06 14.78 11.43
N GLN A 8 -16.57 13.64 10.97
CA GLN A 8 -16.11 13.46 9.56
C GLN A 8 -17.11 12.72 8.70
N PRO A 9 -17.05 12.96 7.35
CA PRO A 9 -17.92 12.26 6.42
C PRO A 9 -17.51 10.84 6.08
N VAL A 10 -17.68 9.95 7.04
CA VAL A 10 -17.39 8.56 6.94
C VAL A 10 -18.52 7.79 7.66
N PRO A 11 -18.82 6.58 7.23
CA PRO A 11 -19.78 5.66 7.91
C PRO A 11 -19.32 5.43 9.31
N GLN A 12 -20.25 5.50 10.25
CA GLN A 12 -19.88 5.66 11.69
C GLN A 12 -19.89 4.35 12.43
N THR A 13 -20.60 3.36 11.90
CA THR A 13 -20.70 2.06 12.54
C THR A 13 -20.79 1.04 11.44
N GLU A 14 -20.55 -0.22 11.79
CA GLU A 14 -20.78 -1.33 10.89
C GLU A 14 -22.26 -1.50 10.49
N ASP A 15 -23.17 -1.05 11.35
CA ASP A 15 -24.61 -1.00 11.03
C ASP A 15 -24.87 -0.06 9.89
N GLU A 16 -24.45 1.20 10.08
CA GLU A 16 -24.44 2.22 9.04
CA GLU A 16 -24.52 2.20 9.02
C GLU A 16 -24.00 1.61 7.71
N THR A 17 -22.82 0.98 7.77
CA THR A 17 -22.21 0.30 6.63
C THR A 17 -23.06 -0.81 6.04
N GLU A 18 -23.65 -1.65 6.89
CA GLU A 18 -24.59 -2.68 6.41
C GLU A 18 -25.78 -2.13 5.60
N LYS A 19 -26.25 -0.90 5.87
CA LYS A 19 -27.39 -0.33 5.11
C LYS A 19 -26.97 0.34 3.75
N ILE A 20 -25.66 0.36 3.46
CA ILE A 20 -25.20 0.96 2.21
C ILE A 20 -25.34 -0.02 1.06
N VAL A 21 -25.99 0.46 -0.01
CA VAL A 21 -26.32 -0.35 -1.13
C VAL A 21 -25.69 0.29 -2.41
N PHE A 22 -25.48 1.58 -2.46
CA PHE A 22 -24.88 2.15 -3.66
C PHE A 22 -23.61 2.95 -3.31
N ALA A 23 -22.63 3.01 -4.22
CA ALA A 23 -21.51 3.92 -3.99
C ALA A 23 -21.96 5.35 -4.23
N GLY A 24 -21.44 6.27 -3.47
CA GLY A 24 -21.54 7.68 -3.77
C GLY A 24 -21.10 8.49 -2.59
N PRO A 25 -21.17 9.80 -2.68
CA PRO A 25 -20.62 10.58 -1.63
C PRO A 25 -21.38 10.54 -0.30
N MET A 26 -20.73 10.83 0.81
CA MET A 26 -21.46 10.95 2.09
C MET A 26 -22.03 12.31 2.23
N ASP A 27 -21.20 13.32 1.95
CA ASP A 27 -21.46 14.73 2.23
C ASP A 27 -22.29 15.44 1.16
N GLU A 28 -22.57 16.70 1.50
CA GLU A 28 -23.19 17.69 0.68
C GLU A 28 -22.22 18.09 -0.39
N PRO A 29 -22.65 18.06 -1.66
CA PRO A 29 -21.74 18.72 -2.64
C PRO A 29 -21.32 20.17 -2.23
N LYS A 30 -20.02 20.53 -2.32
CA LYS A 30 -19.52 21.90 -2.08
C LYS A 30 -18.62 22.34 -3.20
N THR A 31 -18.23 23.61 -3.23
CA THR A 31 -17.29 24.11 -4.25
C THR A 31 -16.05 24.56 -3.60
N VAL A 32 -15.03 24.70 -4.43
CA VAL A 32 -13.75 25.22 -4.11
C VAL A 32 -13.91 26.56 -3.43
N ALA A 33 -14.73 27.45 -4.05
CA ALA A 33 -15.14 28.72 -3.45
C ALA A 33 -15.59 28.66 -1.96
N ASP A 34 -16.26 27.59 -1.54
CA ASP A 34 -16.74 27.52 -0.14
C ASP A 34 -15.60 27.27 0.83
N ILE A 35 -14.45 26.78 0.34
CA ILE A 35 -13.42 26.29 1.24
C ILE A 35 -12.46 27.38 1.63
N PRO A 36 -12.14 27.52 2.94
CA PRO A 36 -11.31 28.64 3.43
C PRO A 36 -9.97 28.73 2.71
N GLU A 37 -9.53 29.93 2.39
CA GLU A 37 -8.29 30.13 1.59
C GLU A 37 -7.06 29.89 2.37
N GLU A 38 -7.18 30.10 3.67
CA GLU A 38 -6.04 30.16 4.54
C GLU A 38 -5.89 28.83 5.28
N PRO A 39 -4.64 28.44 5.60
CA PRO A 39 -4.41 27.24 6.38
C PRO A 39 -5.19 27.25 7.66
N TYR A 40 -5.43 26.07 8.14
CA TYR A 40 -6.16 25.89 9.34
C TYR A 40 -5.34 26.54 10.49
N PRO A 41 -6.04 27.20 11.45
CA PRO A 41 -5.23 27.77 12.53
C PRO A 41 -4.44 26.68 13.30
N ILE A 42 -3.19 26.96 13.67
CA ILE A 42 -2.31 26.02 14.42
C ILE A 42 -1.67 26.83 15.61
N ALA A 43 -1.23 26.14 16.66
CA ALA A 43 -0.52 26.71 17.81
C ALA A 43 0.72 27.49 17.40
N SER A 44 0.91 28.65 18.03
CA SER A 44 1.87 29.67 17.49
C SER A 44 3.34 29.20 17.54
N THR A 45 3.62 28.17 18.33
CA THR A 45 4.92 27.50 18.36
C THR A 45 5.25 26.56 17.16
N PHE A 46 4.22 26.25 16.36
CA PHE A 46 4.36 25.41 15.16
C PHE A 46 4.08 26.19 13.86
N GLU A 47 4.46 25.64 12.74
CA GLU A 47 4.11 26.29 11.48
C GLU A 47 3.89 25.23 10.43
N TRP A 48 3.06 25.54 9.45
CA TRP A 48 2.82 24.64 8.36
C TRP A 48 4.05 24.70 7.42
N TRP A 49 4.36 23.59 6.78
CA TRP A 49 5.48 23.52 5.83
C TRP A 49 5.08 22.63 4.65
N THR A 50 5.33 23.06 3.43
CA THR A 50 5.14 22.20 2.27
C THR A 50 6.54 21.79 1.83
N PRO A 51 6.93 20.53 1.99
CA PRO A 51 8.29 20.21 1.56
C PRO A 51 8.37 20.16 0.03
N ASN A 52 9.53 20.50 -0.52
CA ASN A 52 9.81 20.31 -1.94
C ASN A 52 10.43 18.92 -2.15
N MET A 53 9.66 18.03 -2.76
CA MET A 53 10.17 16.66 -3.06
C MET A 53 11.27 16.57 -4.12
N GLU A 54 11.61 17.66 -4.78
CA GLU A 54 12.71 17.74 -5.76
CA GLU A 54 12.71 17.54 -5.71
C GLU A 54 14.01 18.09 -5.06
N ALA A 55 13.90 18.41 -3.77
CA ALA A 55 15.02 18.87 -3.00
C ALA A 55 15.48 17.73 -2.09
N ALA A 56 16.71 17.27 -2.33
CA ALA A 56 17.34 16.23 -1.50
C ALA A 56 17.19 16.52 0.00
N ASP A 57 17.34 17.75 0.45
CA ASP A 57 17.29 17.99 1.91
C ASP A 57 15.93 17.87 2.53
N ASP A 58 14.90 18.20 1.75
CA ASP A 58 13.55 18.12 2.23
C ASP A 58 13.21 16.59 2.28
N ILE A 59 13.57 15.85 1.26
CA ILE A 59 13.32 14.37 1.31
C ILE A 59 14.03 13.79 2.51
N HIS A 60 15.28 14.22 2.75
CA HIS A 60 16.00 13.73 3.89
C HIS A 60 15.30 14.02 5.21
N ALA A 61 14.75 15.21 5.41
CA ALA A 61 14.07 15.48 6.66
C ALA A 61 12.84 14.52 6.89
N ILE A 62 12.10 14.26 5.84
CA ILE A 62 10.91 13.41 5.96
CA ILE A 62 10.91 13.42 5.93
C ILE A 62 11.41 11.99 6.24
N TYR A 63 12.47 11.60 5.57
CA TYR A 63 13.09 10.27 5.80
C TYR A 63 13.47 10.08 7.27
N GLU A 64 14.10 11.11 7.88
CA GLU A 64 14.44 10.92 9.33
C GLU A 64 13.27 10.87 10.25
N LEU A 65 12.21 11.66 10.00
CA LEU A 65 11.03 11.65 10.81
C LEU A 65 10.43 10.23 10.74
N LEU A 66 10.36 9.67 9.55
CA LEU A 66 9.67 8.34 9.42
C LEU A 66 10.60 7.27 9.99
N ARG A 67 11.92 7.37 9.73
CA ARG A 67 12.88 6.35 10.24
C ARG A 67 12.70 6.16 11.77
N ASP A 68 12.53 7.27 12.54
CA ASP A 68 12.46 7.24 13.98
C ASP A 68 11.09 7.10 14.57
N ASN A 69 10.04 7.39 13.78
CA ASN A 69 8.71 7.57 14.36
C ASN A 69 7.61 6.88 13.58
N TYR A 70 7.92 6.18 12.51
CA TYR A 70 6.76 5.65 11.73
C TYR A 70 6.33 4.27 12.27
N VAL A 71 5.60 3.53 11.46
CA VAL A 71 4.89 2.31 11.93
C VAL A 71 5.87 1.24 12.47
N GLU A 72 5.56 0.71 13.63
CA GLU A 72 6.35 -0.44 14.19
C GLU A 72 5.46 -1.65 14.22
N ASP A 73 6.05 -2.82 14.37
CA ASP A 73 5.23 -4.01 14.55
C ASP A 73 4.63 -3.96 15.97
N ASP A 74 3.72 -4.89 16.28
CA ASP A 74 3.09 -4.73 17.59
C ASP A 74 3.99 -4.94 18.80
N ASP A 75 5.09 -5.68 18.62
CA ASP A 75 6.03 -5.96 19.73
C ASP A 75 7.19 -4.95 19.84
N SER A 76 7.12 -3.91 18.99
CA SER A 76 8.16 -2.89 18.93
C SER A 76 9.52 -3.52 18.73
N MET A 77 9.60 -4.49 17.82
CA MET A 77 10.85 -5.08 17.46
C MET A 77 11.39 -4.59 16.14
N PHE A 78 10.48 -4.02 15.32
CA PHE A 78 10.85 -3.61 13.93
C PHE A 78 10.18 -2.30 13.68
N ARG A 79 10.81 -1.44 12.91
CA ARG A 79 10.07 -0.19 12.50
C ARG A 79 10.42 -0.03 11.01
N PHE A 80 9.45 0.35 10.17
CA PHE A 80 9.74 0.60 8.81
C PHE A 80 10.81 1.67 8.61
N ASN A 81 11.69 1.46 7.65
CA ASN A 81 12.73 2.42 7.26
C ASN A 81 12.71 2.70 5.73
N TYR A 82 11.63 3.35 5.25
CA TYR A 82 11.56 3.72 3.87
C TYR A 82 12.78 4.51 3.48
N SER A 83 13.33 4.20 2.34
CA SER A 83 14.55 4.94 1.91
C SER A 83 14.16 6.30 1.31
N GLU A 84 15.18 7.17 1.17
CA GLU A 84 14.91 8.44 0.48
C GLU A 84 14.52 8.28 -0.96
N GLU A 85 15.10 7.31 -1.68
CA GLU A 85 14.76 7.05 -3.06
C GLU A 85 13.33 6.50 -3.12
N PHE A 86 13.01 5.59 -2.18
CA PHE A 86 11.61 5.17 -2.13
C PHE A 86 10.59 6.32 -1.93
N LEU A 87 10.87 7.21 -0.99
CA LEU A 87 9.96 8.30 -0.72
C LEU A 87 9.79 9.21 -1.98
N GLN A 88 10.88 9.50 -2.71
CA GLN A 88 10.74 10.31 -3.87
C GLN A 88 9.82 9.62 -4.90
N TRP A 89 9.92 8.30 -5.05
CA TRP A 89 9.13 7.51 -6.02
C TRP A 89 7.66 7.48 -5.57
N ALA A 90 7.44 7.28 -4.27
CA ALA A 90 6.08 7.16 -3.80
C ALA A 90 5.33 8.48 -3.78
N LEU A 91 6.06 9.54 -3.42
CA LEU A 91 5.44 10.91 -3.20
C LEU A 91 5.30 11.68 -4.49
N CYS A 92 6.02 11.28 -5.54
CA CYS A 92 5.98 12.11 -6.79
C CYS A 92 5.68 11.41 -8.10
N PRO A 93 4.51 10.79 -8.22
CA PRO A 93 4.01 10.19 -9.45
C PRO A 93 3.72 11.34 -10.43
N PRO A 94 3.45 11.00 -11.68
CA PRO A 94 3.18 12.04 -12.69
C PRO A 94 1.99 12.89 -12.28
N ASN A 95 2.14 14.21 -12.45
CA ASN A 95 1.08 15.16 -12.05
C ASN A 95 0.75 15.11 -10.59
N TYR A 96 1.72 14.72 -9.74
CA TYR A 96 1.49 14.91 -8.34
C TYR A 96 1.28 16.43 -7.99
N ILE A 97 0.63 16.67 -6.85
CA ILE A 97 0.38 18.02 -6.41
CA ILE A 97 0.34 18.01 -6.39
C ILE A 97 1.25 18.31 -5.22
N PRO A 98 2.22 19.23 -5.34
CA PRO A 98 3.14 19.44 -4.24
C PRO A 98 2.43 19.92 -2.97
N ASP A 99 1.34 20.68 -3.14
CA ASP A 99 0.57 21.19 -1.96
C ASP A 99 -0.08 20.11 -1.09
N TRP A 100 -0.20 18.95 -1.69
CA TRP A 100 -0.81 17.78 -0.92
C TRP A 100 0.17 17.11 0.03
N HIS A 101 1.38 17.54 0.03
CA HIS A 101 2.40 16.98 0.98
C HIS A 101 2.41 17.96 2.14
N VAL A 102 1.90 17.56 3.29
CA VAL A 102 1.62 18.55 4.38
C VAL A 102 2.49 18.22 5.55
N ALA A 103 3.25 19.21 6.08
CA ALA A 103 4.11 19.00 7.22
C ALA A 103 3.90 20.05 8.30
N VAL A 104 4.34 19.73 9.51
CA VAL A 104 4.31 20.68 10.62
C VAL A 104 5.72 20.67 11.13
N ARG A 105 6.27 21.87 11.30
CA ARG A 105 7.61 22.06 11.82
C ARG A 105 7.52 22.94 13.08
N ARG A 106 8.50 22.79 13.98
CA ARG A 106 8.58 23.68 15.14
CA ARG A 106 8.60 23.67 15.14
C ARG A 106 9.27 24.94 14.64
N LYS A 107 8.64 26.10 14.82
CA LYS A 107 9.26 27.37 14.44
C LYS A 107 10.70 27.62 14.97
N ALA A 108 10.90 27.38 16.26
CA ALA A 108 12.18 27.73 16.89
C ALA A 108 13.44 27.10 16.24
N ASP A 109 13.31 25.96 15.55
CA ASP A 109 14.48 25.29 14.97
C ASP A 109 14.22 24.62 13.63
N LYS A 110 12.99 24.76 13.13
CA LYS A 110 12.50 24.11 11.93
C LYS A 110 12.58 22.53 11.96
N LYS A 111 12.54 21.94 13.15
CA LYS A 111 12.48 20.45 13.29
C LYS A 111 11.11 19.91 12.85
N LEU A 112 11.16 18.90 11.96
CA LEU A 112 9.95 18.28 11.42
C LEU A 112 9.26 17.48 12.51
N LEU A 113 7.97 17.71 12.68
CA LEU A 113 7.25 17.15 13.79
C LEU A 113 6.13 16.22 13.35
N ALA A 114 5.59 16.46 12.14
CA ALA A 114 4.41 15.72 11.74
C ALA A 114 4.38 15.79 10.21
N PHE A 115 3.83 14.74 9.59
CA PHE A 115 3.75 14.73 8.13
C PHE A 115 2.54 13.93 7.72
N ILE A 116 1.97 14.28 6.54
CA ILE A 116 0.98 13.48 5.90
C ILE A 116 1.09 13.71 4.44
N ALA A 117 0.89 12.71 3.62
CA ALA A 117 0.99 12.94 2.21
C ALA A 117 -0.23 12.46 1.45
N GLY A 118 -0.61 13.21 0.41
CA GLY A 118 -1.60 12.75 -0.51
C GLY A 118 -1.02 12.67 -1.93
N VAL A 119 -1.38 11.66 -2.71
CA VAL A 119 -1.03 11.62 -4.15
C VAL A 119 -2.26 11.40 -4.98
N PRO A 120 -2.24 11.91 -6.23
CA PRO A 120 -3.39 11.64 -7.07
CA PRO A 120 -3.37 11.66 -7.11
C PRO A 120 -3.46 10.20 -7.46
N VAL A 121 -4.67 9.68 -7.52
CA VAL A 121 -4.91 8.36 -8.05
CA VAL A 121 -4.91 8.36 -8.06
C VAL A 121 -6.25 8.43 -8.79
N THR A 122 -6.36 7.70 -9.87
CA THR A 122 -7.62 7.46 -10.60
C THR A 122 -8.15 6.07 -10.28
N LEU A 123 -9.36 5.96 -9.69
CA LEU A 123 -9.79 4.74 -9.03
C LEU A 123 -11.20 4.46 -9.54
N ARG A 124 -11.39 3.25 -9.93
CA ARG A 124 -12.74 2.68 -10.11
C ARG A 124 -13.29 2.39 -8.70
N MET A 125 -14.47 2.93 -8.38
CA MET A 125 -14.98 2.86 -7.01
C MET A 125 -16.52 2.97 -7.09
N GLY A 126 -17.02 2.39 -8.17
CA GLY A 126 -18.48 2.46 -8.34
C GLY A 126 -19.04 1.31 -7.57
N THR A 127 -20.38 1.25 -7.52
CA THR A 127 -20.98 0.04 -6.96
C THR A 127 -20.43 -1.35 -7.26
N PRO A 128 -20.06 -2.09 -6.20
CA PRO A 128 -19.56 -3.41 -6.38
C PRO A 128 -20.53 -4.31 -7.10
N LYS A 129 -20.00 -5.28 -7.83
CA LYS A 129 -20.75 -6.28 -8.63
C LYS A 129 -21.87 -7.03 -7.90
N TYR A 130 -21.57 -7.52 -6.69
CA TYR A 130 -22.60 -8.25 -5.91
C TYR A 130 -23.79 -7.38 -5.59
N MET A 131 -23.57 -6.06 -5.43
CA MET A 131 -24.60 -5.11 -5.08
C MET A 131 -25.29 -4.67 -6.33
N LYS A 132 -24.61 -4.78 -7.48
CA LYS A 132 -25.26 -4.46 -8.79
C LYS A 132 -26.27 -5.58 -9.16
N VAL A 133 -25.92 -6.83 -8.89
CA VAL A 133 -26.87 -7.95 -9.06
C VAL A 133 -28.10 -7.68 -8.17
N LYS A 134 -27.89 -7.36 -6.90
CA LYS A 134 -29.03 -7.12 -6.01
C LYS A 134 -29.85 -5.96 -6.50
N ALA A 135 -29.18 -4.98 -7.08
CA ALA A 135 -29.88 -3.82 -7.65
C ALA A 135 -30.76 -4.23 -8.81
N GLN A 136 -30.23 -5.01 -9.73
CA GLN A 136 -31.01 -5.43 -10.90
C GLN A 136 -32.31 -6.13 -10.48
N GLU A 137 -32.21 -6.99 -9.46
CA GLU A 137 -33.35 -7.70 -8.80
C GLU A 137 -34.41 -6.76 -8.21
N LYS A 138 -34.02 -5.57 -7.82
CA LYS A 138 -34.92 -4.56 -7.30
CA LYS A 138 -35.05 -4.66 -7.39
C LYS A 138 -35.35 -3.57 -8.39
N GLY A 139 -34.81 -3.68 -9.59
CA GLY A 139 -35.16 -2.69 -10.58
C GLY A 139 -34.38 -1.38 -10.42
N GLU A 140 -33.27 -1.42 -9.71
CA GLU A 140 -32.52 -0.17 -9.37
C GLU A 140 -31.12 -0.05 -9.99
N GLY A 141 -30.97 -0.56 -11.21
CA GLY A 141 -29.71 -0.51 -11.94
C GLY A 141 -29.16 0.89 -12.25
N GLU A 142 -29.99 1.85 -12.57
CA GLU A 142 -29.43 3.17 -12.88
C GLU A 142 -28.78 3.87 -11.66
N GLU A 143 -29.39 3.74 -10.49
CA GLU A 143 -28.81 4.37 -9.31
C GLU A 143 -27.48 3.64 -9.03
N ALA A 144 -27.50 2.30 -9.10
CA ALA A 144 -26.25 1.51 -8.87
C ALA A 144 -25.08 1.97 -9.77
N ALA A 145 -25.32 2.57 -10.98
CA ALA A 145 -24.25 2.77 -12.01
C ALA A 145 -23.81 4.23 -12.13
N LYS A 146 -24.45 5.09 -11.37
CA LYS A 146 -24.20 6.50 -11.41
C LYS A 146 -22.71 6.92 -11.26
N TYR A 147 -21.95 6.24 -10.37
CA TYR A 147 -20.55 6.57 -10.10
C TYR A 147 -19.59 5.53 -10.64
N ASP A 148 -19.95 4.90 -11.76
CA ASP A 148 -19.17 3.85 -12.42
C ASP A 148 -17.87 4.38 -13.04
N GLU A 149 -17.86 5.63 -13.53
CA GLU A 149 -16.67 6.16 -14.21
C GLU A 149 -15.49 6.33 -13.24
N PRO A 150 -14.27 5.98 -13.69
CA PRO A 150 -13.07 6.20 -12.82
C PRO A 150 -13.01 7.59 -12.26
N ARG A 151 -12.74 7.75 -10.96
CA ARG A 151 -12.71 9.09 -10.36
C ARG A 151 -11.25 9.50 -10.02
N HIS A 152 -10.93 10.77 -10.23
CA HIS A 152 -9.69 11.41 -9.77
C HIS A 152 -9.77 11.75 -8.30
N ILE A 153 -9.16 10.89 -7.44
CA ILE A 153 -9.22 11.22 -6.01
C ILE A 153 -7.81 11.20 -5.40
N CYS A 154 -7.72 11.25 -4.07
CA CYS A 154 -6.41 11.39 -3.36
C CYS A 154 -6.17 10.03 -2.65
N GLU A 155 -4.97 9.52 -2.73
CA GLU A 155 -4.56 8.40 -1.84
C GLU A 155 -3.67 8.96 -0.77
N ILE A 156 -3.99 8.73 0.54
CA ILE A 156 -3.30 9.36 1.63
C ILE A 156 -2.33 8.32 2.18
N ASN A 157 -1.10 8.74 2.55
CA ASN A 157 -0.15 7.71 3.14
C ASN A 157 0.75 8.54 4.04
N PHE A 158 1.59 7.83 4.78
CA PHE A 158 2.66 8.41 5.53
C PHE A 158 2.24 9.37 6.63
N LEU A 159 1.05 9.18 7.27
CA LEU A 159 0.74 10.01 8.43
C LEU A 159 1.66 9.64 9.56
N CYS A 160 2.30 10.65 10.14
CA CYS A 160 3.30 10.35 11.21
C CYS A 160 3.40 11.55 12.13
N VAL A 161 3.22 11.31 13.45
CA VAL A 161 3.45 12.37 14.43
C VAL A 161 4.66 11.97 15.22
N HIS A 162 5.61 12.86 15.37
CA HIS A 162 6.81 12.57 16.21
C HIS A 162 6.39 11.94 17.54
N LYS A 163 7.20 11.00 18.02
CA LYS A 163 6.91 10.39 19.35
C LYS A 163 6.71 11.35 20.53
N GLN A 164 7.39 12.50 20.54
CA GLN A 164 7.20 13.44 21.64
CA GLN A 164 7.19 13.44 21.64
C GLN A 164 5.89 14.19 21.64
N LEU A 165 5.16 14.06 20.54
CA LEU A 165 3.97 14.87 20.30
CA LEU A 165 3.98 14.87 20.25
C LEU A 165 2.72 14.02 20.22
N ARG A 166 2.87 12.73 20.61
CA ARG A 166 1.75 11.84 20.58
C ARG A 166 0.63 12.11 21.59
N GLU A 167 -0.61 11.89 21.16
CA GLU A 167 -1.81 12.02 22.00
C GLU A 167 -2.01 13.47 22.39
N LYS A 168 -1.61 14.37 21.52
CA LYS A 168 -1.97 15.77 21.66
C LYS A 168 -2.93 16.24 20.55
N ARG A 169 -3.62 15.31 19.89
CA ARG A 169 -4.65 15.62 18.88
C ARG A 169 -4.09 16.36 17.68
N LEU A 170 -2.81 16.14 17.46
CA LEU A 170 -2.09 16.66 16.32
C LEU A 170 -2.50 15.93 15.00
N ALA A 171 -2.77 14.63 15.07
CA ALA A 171 -3.21 13.92 13.89
C ALA A 171 -4.51 14.52 13.25
N PRO A 172 -5.56 14.80 14.02
CA PRO A 172 -6.73 15.45 13.47
C PRO A 172 -6.41 16.75 12.76
N ILE A 173 -5.49 17.56 13.26
CA ILE A 173 -5.20 18.87 12.62
C ILE A 173 -4.55 18.59 11.26
N LEU A 174 -3.61 17.64 11.20
CA LEU A 174 -3.00 17.24 9.92
CA LEU A 174 -3.01 17.23 9.91
C LEU A 174 -4.06 16.77 8.94
N ILE A 175 -4.97 15.93 9.40
CA ILE A 175 -5.97 15.37 8.50
C ILE A 175 -6.85 16.53 8.02
N LYS A 176 -7.19 17.44 8.92
CA LYS A 176 -8.12 18.52 8.44
CA LYS A 176 -8.09 18.60 8.53
C LYS A 176 -7.44 19.47 7.45
N GLU A 177 -6.17 19.74 7.67
CA GLU A 177 -5.46 20.61 6.75
C GLU A 177 -5.22 19.86 5.45
N ALA A 178 -4.91 18.54 5.48
CA ALA A 178 -4.79 17.79 4.17
C ALA A 178 -6.12 17.84 3.42
N THR A 179 -7.22 17.75 4.13
CA THR A 179 -8.50 17.62 3.49
C THR A 179 -8.73 19.01 2.81
N ARG A 180 -8.40 20.08 3.53
CA ARG A 180 -8.60 21.46 3.01
C ARG A 180 -7.80 21.60 1.68
N ARG A 181 -6.48 21.27 1.75
CA ARG A 181 -5.67 21.31 0.53
C ARG A 181 -6.20 20.49 -0.62
N VAL A 182 -6.70 19.25 -0.40
CA VAL A 182 -7.23 18.41 -1.44
C VAL A 182 -8.52 19.06 -1.98
N ASN A 183 -9.40 19.52 -1.05
CA ASN A 183 -10.68 20.12 -1.48
C ASN A 183 -10.42 21.42 -2.34
N ARG A 184 -9.39 22.15 -2.02
CA ARG A 184 -9.08 23.44 -2.77
C ARG A 184 -8.65 23.09 -4.19
N THR A 185 -8.38 21.81 -4.47
CA THR A 185 -8.14 21.34 -5.90
C THR A 185 -9.30 20.66 -6.47
N ASN A 186 -10.50 20.80 -5.89
CA ASN A 186 -11.67 20.16 -6.33
C ASN A 186 -11.76 18.64 -6.29
N VAL A 187 -11.09 18.08 -5.26
CA VAL A 187 -11.15 16.66 -5.04
C VAL A 187 -11.80 16.42 -3.68
N TRP A 188 -12.74 15.48 -3.64
CA TRP A 188 -13.64 15.38 -2.50
C TRP A 188 -13.66 13.99 -1.85
N GLN A 189 -12.94 13.05 -2.43
CA GLN A 189 -12.82 11.65 -1.90
C GLN A 189 -11.35 11.33 -1.67
N ALA A 190 -11.09 10.45 -0.71
CA ALA A 190 -9.69 9.94 -0.52
C ALA A 190 -9.83 8.45 -0.22
N VAL A 191 -8.73 7.74 -0.42
CA VAL A 191 -8.71 6.30 -0.07
C VAL A 191 -7.46 6.21 0.81
N TYR A 192 -7.53 5.35 1.83
CA TYR A 192 -6.40 5.23 2.76
C TYR A 192 -6.53 3.85 3.36
N THR A 193 -5.39 3.35 3.86
CA THR A 193 -5.45 2.07 4.59
C THR A 193 -4.83 2.27 6.00
N ALA A 194 -5.11 1.37 6.94
CA ALA A 194 -4.46 1.42 8.22
C ALA A 194 -4.48 0.04 8.83
N GLY A 195 -3.57 -0.18 9.75
CA GLY A 195 -3.55 -1.51 10.40
C GLY A 195 -4.23 -1.31 11.76
N VAL A 196 -4.98 -0.24 11.95
CA VAL A 196 -5.87 -0.02 13.10
C VAL A 196 -7.31 0.03 12.61
N LEU A 197 -8.24 -0.33 13.49
CA LEU A 197 -9.68 -0.14 13.31
C LEU A 197 -10.23 1.27 13.60
N LEU A 198 -10.79 1.90 12.55
CA LEU A 198 -11.27 3.28 12.58
C LEU A 198 -12.70 3.19 12.00
N PRO A 199 -13.52 4.23 12.22
CA PRO A 199 -14.79 4.23 11.51
C PRO A 199 -14.58 4.57 9.99
N THR A 200 -14.97 3.74 9.04
CA THR A 200 -15.35 2.37 9.18
C THR A 200 -14.87 1.68 7.88
N PRO A 201 -14.15 0.56 7.96
CA PRO A 201 -13.55 0.04 6.71
C PRO A 201 -14.54 -0.57 5.72
N TYR A 202 -14.25 -0.41 4.43
CA TYR A 202 -15.01 -1.18 3.41
C TYR A 202 -14.46 -2.58 3.09
N ALA A 203 -13.18 -2.90 3.46
CA ALA A 203 -12.67 -4.24 3.31
C ALA A 203 -11.57 -4.40 4.35
N SER A 204 -11.24 -5.64 4.63
CA SER A 204 -10.20 -5.98 5.62
CA SER A 204 -10.19 -5.98 5.61
C SER A 204 -9.54 -7.27 5.15
N GLY A 205 -8.22 -7.39 5.28
CA GLY A 205 -7.54 -8.54 4.83
C GLY A 205 -6.35 -8.87 5.72
N GLN A 206 -5.95 -10.16 5.82
CA GLN A 206 -4.82 -10.54 6.55
C GLN A 206 -3.53 -10.22 5.81
N TYR A 207 -2.45 -10.10 6.56
CA TYR A 207 -1.11 -10.00 5.95
C TYR A 207 -0.57 -11.37 5.80
N PHE A 208 0.32 -11.58 4.83
CA PHE A 208 1.00 -12.86 4.63
C PHE A 208 2.48 -12.66 4.42
N HIS A 209 3.29 -13.63 4.84
CA HIS A 209 4.77 -13.50 4.75
CA HIS A 209 4.80 -13.51 4.86
C HIS A 209 5.32 -14.83 4.26
N ARG A 210 6.40 -14.78 3.50
CA ARG A 210 7.03 -15.96 2.96
C ARG A 210 8.48 -15.81 3.31
N SER A 211 8.97 -16.71 4.17
CA SER A 211 10.36 -16.71 4.55
CA SER A 211 10.38 -16.72 4.54
C SER A 211 11.28 -17.03 3.37
N LEU A 212 12.32 -16.24 3.21
CA LEU A 212 13.31 -16.46 2.15
C LEU A 212 14.64 -16.78 2.81
N ASN A 213 14.94 -16.17 3.97
CA ASN A 213 16.18 -16.47 4.81
C ASN A 213 15.77 -16.81 6.24
N PRO A 214 15.32 -18.05 6.44
CA PRO A 214 14.68 -18.38 7.71
C PRO A 214 15.62 -18.28 8.88
N GLU A 215 16.92 -18.53 8.67
CA GLU A 215 17.86 -18.50 9.79
C GLU A 215 17.97 -17.07 10.34
N LYS A 216 18.08 -16.07 9.45
CA LYS A 216 18.06 -14.63 9.90
C LYS A 216 16.72 -14.26 10.54
N LEU A 217 15.56 -14.60 9.90
CA LEU A 217 14.25 -14.34 10.52
C LEU A 217 14.10 -14.86 11.92
N VAL A 218 14.67 -16.04 12.20
CA VAL A 218 14.55 -16.59 13.53
C VAL A 218 15.48 -15.82 14.50
N GLU A 219 16.67 -15.48 14.02
CA GLU A 219 17.64 -14.73 14.84
CA GLU A 219 17.69 -14.69 14.78
C GLU A 219 17.13 -13.34 15.27
N ILE A 220 16.40 -12.66 14.38
CA ILE A 220 15.83 -11.35 14.73
C ILE A 220 14.45 -11.41 15.34
N ARG A 221 13.96 -12.63 15.56
CA ARG A 221 12.63 -12.90 16.10
CA ARG A 221 12.63 -12.89 16.10
C ARG A 221 11.49 -12.35 15.24
N PHE A 222 11.69 -12.22 13.92
CA PHE A 222 10.54 -12.01 13.00
C PHE A 222 9.66 -13.27 13.02
N SER A 223 10.37 -14.38 13.19
CA SER A 223 9.87 -15.76 13.07
C SER A 223 10.34 -16.56 14.26
N GLY A 224 9.52 -17.55 14.63
CA GLY A 224 9.97 -18.55 15.61
C GLY A 224 10.11 -19.88 14.90
N ILE A 225 11.05 -20.72 15.35
CA ILE A 225 10.98 -22.13 14.93
C ILE A 225 9.65 -22.66 15.43
N PRO A 226 8.73 -23.13 14.55
CA PRO A 226 7.47 -23.60 15.17
C PRO A 226 7.63 -24.89 15.98
N ALA A 227 6.77 -25.07 16.97
CA ALA A 227 6.72 -26.25 17.88
C ALA A 227 6.96 -27.60 17.15
N GLN A 228 6.22 -27.85 16.09
CA GLN A 228 6.33 -29.07 15.27
C GLN A 228 7.72 -29.44 14.82
N TYR A 229 8.58 -28.44 14.68
CA TYR A 229 9.93 -28.70 14.21
C TYR A 229 10.80 -29.33 15.33
N GLN A 230 10.28 -29.46 16.56
CA GLN A 230 11.08 -29.99 17.68
C GLN A 230 11.22 -31.50 17.63
N LYS A 231 10.25 -32.16 17.03
CA LYS A 231 10.38 -33.60 16.75
C LYS A 231 11.63 -33.92 15.90
N PHE A 232 12.32 -32.89 15.37
CA PHE A 232 13.50 -33.17 14.57
C PHE A 232 14.80 -33.02 15.31
N GLN A 233 15.78 -33.78 14.87
CA GLN A 233 17.08 -33.80 15.47
C GLN A 233 17.69 -32.42 15.23
N ASN A 234 17.42 -31.86 14.03
CA ASN A 234 18.01 -30.54 13.76
C ASN A 234 16.94 -29.53 13.23
N PRO A 235 16.18 -28.95 14.16
CA PRO A 235 14.97 -28.15 13.77
C PRO A 235 15.33 -27.09 12.73
N MET A 236 16.42 -26.35 12.95
CA MET A 236 16.76 -25.31 11.98
C MET A 236 17.15 -25.77 10.59
N ALA A 237 17.89 -26.85 10.53
CA ALA A 237 18.23 -27.39 9.21
C ALA A 237 16.97 -27.82 8.45
N MET A 238 15.96 -28.33 9.15
CA MET A 238 14.74 -28.75 8.46
CA MET A 238 14.72 -28.75 8.50
C MET A 238 13.96 -27.49 8.06
N LEU A 239 14.07 -26.42 8.85
CA LEU A 239 13.36 -25.18 8.48
CA LEU A 239 13.35 -25.20 8.49
C LEU A 239 13.95 -24.56 7.20
N LYS A 240 15.26 -24.49 7.12
CA LYS A 240 15.95 -24.02 5.93
C LYS A 240 15.61 -24.82 4.72
N ARG A 241 15.49 -26.14 4.91
CA ARG A 241 15.14 -27.04 3.81
CA ARG A 241 15.18 -27.00 3.76
C ARG A 241 13.75 -26.76 3.27
N ASN A 242 12.80 -26.59 4.22
CA ASN A 242 11.39 -26.34 3.90
C ASN A 242 11.23 -25.07 2.98
N TYR A 243 12.06 -24.06 3.21
CA TYR A 243 11.91 -22.77 2.48
C TYR A 243 12.90 -22.52 1.36
N GLN A 244 13.73 -23.52 1.06
CA GLN A 244 14.75 -23.37 0.03
CA GLN A 244 14.74 -23.43 0.01
C GLN A 244 14.07 -23.12 -1.35
N LEU A 245 14.76 -22.38 -2.19
CA LEU A 245 14.25 -22.02 -3.54
C LEU A 245 15.33 -22.31 -4.57
N PRO A 246 14.94 -22.53 -5.85
CA PRO A 246 15.90 -22.54 -6.96
C PRO A 246 16.76 -21.27 -7.03
N SER A 247 17.96 -21.36 -7.62
CA SER A 247 18.86 -20.19 -7.82
C SER A 247 18.41 -19.31 -8.96
N ALA A 248 17.70 -19.90 -9.90
CA ALA A 248 17.34 -19.19 -11.10
C ALA A 248 15.92 -19.48 -11.53
N PRO A 249 15.28 -18.50 -12.21
CA PRO A 249 13.88 -18.60 -12.62
C PRO A 249 13.61 -19.85 -13.44
N LYS A 250 12.39 -20.36 -13.35
CA LYS A 250 12.01 -21.55 -14.08
C LYS A 250 11.43 -21.23 -15.45
N ASN A 251 10.94 -20.01 -15.66
CA ASN A 251 10.27 -19.62 -16.90
C ASN A 251 11.32 -19.01 -17.82
N SER A 252 11.65 -19.67 -18.93
CA SER A 252 12.49 -18.99 -19.92
C SER A 252 11.62 -17.86 -20.50
N GLY A 253 12.23 -16.84 -21.03
CA GLY A 253 11.34 -15.73 -21.35
C GLY A 253 11.32 -14.64 -20.25
N LEU A 254 11.79 -14.97 -19.03
CA LEU A 254 11.77 -14.01 -17.92
C LEU A 254 12.92 -13.03 -18.11
N ARG A 255 12.63 -11.73 -18.06
CA ARG A 255 13.67 -10.72 -18.09
C ARG A 255 13.11 -9.44 -17.40
N GLU A 256 13.99 -8.51 -17.03
CA GLU A 256 13.54 -7.24 -16.46
CA GLU A 256 13.53 -7.25 -16.44
C GLU A 256 12.73 -6.46 -17.46
N MET A 257 11.74 -5.70 -16.97
CA MET A 257 10.91 -4.87 -17.82
C MET A 257 11.76 -3.69 -18.30
N LYS A 258 11.45 -3.22 -19.50
CA LYS A 258 12.14 -2.02 -20.00
CA LYS A 258 12.15 -2.15 -20.24
C LYS A 258 11.09 -1.11 -20.63
N PRO A 259 11.51 0.16 -20.94
CA PRO A 259 10.48 1.13 -21.31
C PRO A 259 9.59 0.69 -22.45
N SER A 260 10.14 -0.07 -23.39
CA SER A 260 9.38 -0.45 -24.57
C SER A 260 8.21 -1.40 -24.22
N ASP A 261 8.24 -1.96 -23.00
CA ASP A 261 7.16 -2.88 -22.57
C ASP A 261 6.00 -2.19 -22.02
N VAL A 262 6.09 -0.90 -21.76
CA VAL A 262 5.03 -0.12 -21.06
C VAL A 262 3.64 -0.35 -21.70
N PRO A 263 3.47 -0.13 -23.03
CA PRO A 263 2.12 -0.30 -23.56
C PRO A 263 1.47 -1.68 -23.35
N GLN A 264 2.22 -2.77 -23.51
CA GLN A 264 1.77 -4.13 -23.34
C GLN A 264 1.50 -4.44 -21.86
N VAL A 265 2.38 -3.99 -20.96
CA VAL A 265 2.10 -4.19 -19.49
C VAL A 265 0.83 -3.37 -19.08
N ARG A 266 0.70 -2.17 -19.59
N ARG A 266 0.69 -2.15 -19.58
CA ARG A 266 -0.49 -1.41 -19.29
CA ARG A 266 -0.52 -1.36 -19.30
C ARG A 266 -1.75 -2.17 -19.73
C ARG A 266 -1.77 -2.11 -19.75
N ARG A 267 -1.72 -2.66 -20.96
CA ARG A 267 -2.83 -3.46 -21.51
CA ARG A 267 -2.87 -3.46 -21.48
C ARG A 267 -3.23 -4.67 -20.63
N ILE A 268 -2.26 -5.55 -20.35
CA ILE A 268 -2.50 -6.83 -19.63
C ILE A 268 -2.89 -6.47 -18.17
N LEU A 269 -2.25 -5.46 -17.58
CA LEU A 269 -2.61 -5.08 -16.23
C LEU A 269 -4.01 -4.51 -16.17
N MET A 270 -4.34 -3.57 -17.03
CA MET A 270 -5.69 -2.95 -16.99
C MET A 270 -6.77 -4.01 -17.26
N ASN A 271 -6.51 -4.94 -18.19
CA ASN A 271 -7.48 -6.03 -18.45
CA ASN A 271 -7.43 -6.05 -18.47
C ASN A 271 -7.67 -6.89 -17.21
N TYR A 272 -6.57 -7.18 -16.48
CA TYR A 272 -6.70 -7.93 -15.23
C TYR A 272 -7.42 -7.18 -14.11
N LEU A 273 -7.09 -5.91 -13.86
CA LEU A 273 -7.61 -5.16 -12.74
C LEU A 273 -9.06 -4.90 -12.97
N ASP A 274 -9.49 -4.97 -14.23
CA ASP A 274 -10.89 -4.77 -14.54
C ASP A 274 -11.84 -5.67 -13.79
N SER A 275 -11.39 -6.88 -13.49
CA SER A 275 -12.17 -7.88 -12.80
CA SER A 275 -12.21 -7.86 -12.83
C SER A 275 -12.49 -7.52 -11.34
N PHE A 276 -11.83 -6.49 -10.81
CA PHE A 276 -12.02 -6.12 -9.38
C PHE A 276 -12.89 -4.92 -9.12
N ASP A 277 -13.65 -4.95 -8.02
CA ASP A 277 -14.52 -3.80 -7.73
C ASP A 277 -13.88 -2.44 -7.47
N VAL A 278 -12.73 -2.42 -6.73
CA VAL A 278 -12.08 -1.17 -6.41
C VAL A 278 -10.65 -1.34 -6.98
N GLY A 279 -10.25 -0.41 -7.84
CA GLY A 279 -8.88 -0.67 -8.45
C GLY A 279 -8.50 0.53 -9.26
N PRO A 280 -7.18 0.71 -9.49
CA PRO A 280 -6.67 1.96 -10.07
C PRO A 280 -6.72 1.85 -11.58
N VAL A 281 -6.73 3.00 -12.27
CA VAL A 281 -6.64 3.04 -13.73
C VAL A 281 -5.33 3.78 -13.94
N PHE A 282 -4.41 3.16 -14.67
CA PHE A 282 -3.07 3.76 -14.86
C PHE A 282 -2.91 4.10 -16.36
N SER A 283 -2.43 5.31 -16.53
CA SER A 283 -1.97 5.86 -17.84
C SER A 283 -0.63 5.20 -18.17
N ASP A 284 -0.19 5.26 -19.46
CA ASP A 284 1.22 4.88 -19.76
C ASP A 284 2.25 5.56 -18.85
N ALA A 285 2.12 6.87 -18.52
CA ALA A 285 3.13 7.60 -17.68
C ALA A 285 3.12 7.00 -16.25
N GLU A 286 1.92 6.64 -15.79
CA GLU A 286 1.77 6.02 -14.47
C GLU A 286 2.31 4.63 -14.43
N ILE A 287 2.13 3.83 -15.49
CA ILE A 287 2.71 2.48 -15.60
C ILE A 287 4.24 2.63 -15.53
N SER A 288 4.73 3.58 -16.32
CA SER A 288 6.18 3.87 -16.36
CA SER A 288 6.17 3.82 -16.34
C SER A 288 6.70 4.18 -14.98
N HIS A 289 6.01 5.09 -14.31
CA HIS A 289 6.47 5.54 -13.04
C HIS A 289 6.45 4.38 -11.99
N TYR A 290 5.31 3.67 -11.93
CA TYR A 290 5.17 2.71 -10.81
C TYR A 290 5.82 1.35 -11.07
N LEU A 291 6.09 1.02 -12.34
CA LEU A 291 6.57 -0.31 -12.67
C LEU A 291 7.98 -0.37 -13.26
N LEU A 292 8.45 0.67 -13.93
CA LEU A 292 9.79 0.49 -14.47
C LEU A 292 10.79 0.30 -13.31
N PRO A 293 11.80 -0.59 -13.50
CA PRO A 293 12.67 -0.87 -12.40
C PRO A 293 13.42 0.34 -11.92
N ARG A 294 13.59 0.43 -10.63
CA ARG A 294 14.37 1.49 -9.97
C ARG A 294 15.19 0.89 -8.92
N ASP A 295 16.53 1.04 -9.03
CA ASP A 295 17.40 0.40 -8.03
C ASP A 295 17.11 0.62 -6.59
N GLY A 296 17.12 -0.46 -5.85
CA GLY A 296 16.77 -0.39 -4.46
C GLY A 296 15.27 -0.16 -4.11
N VAL A 297 14.41 0.03 -5.12
CA VAL A 297 13.07 0.50 -4.81
C VAL A 297 12.05 -0.49 -5.42
N VAL A 298 12.01 -0.60 -6.72
CA VAL A 298 10.95 -1.37 -7.33
C VAL A 298 11.59 -2.25 -8.43
N PHE A 299 11.11 -3.50 -8.56
CA PHE A 299 11.76 -4.52 -9.35
C PHE A 299 10.61 -5.10 -10.16
N THR A 300 10.79 -5.24 -11.48
CA THR A 300 9.66 -5.63 -12.35
C THR A 300 10.19 -6.50 -13.43
N TYR A 301 9.51 -7.64 -13.68
CA TYR A 301 10.01 -8.64 -14.66
C TYR A 301 8.87 -8.99 -15.53
N VAL A 302 9.12 -9.24 -16.80
CA VAL A 302 8.08 -9.64 -17.72
C VAL A 302 8.49 -11.01 -18.29
N VAL A 303 7.45 -11.73 -18.76
CA VAL A 303 7.58 -12.98 -19.45
C VAL A 303 7.21 -12.63 -20.90
N GLU A 304 8.23 -12.83 -21.72
CA GLU A 304 8.18 -12.54 -23.12
C GLU A 304 8.81 -13.74 -23.77
N ASN A 305 8.00 -14.58 -24.40
CA ASN A 305 8.54 -15.42 -25.48
C ASN A 305 7.82 -15.04 -26.81
N ASP A 306 8.57 -15.09 -27.92
CA ASP A 306 8.09 -14.57 -29.23
C ASP A 306 7.70 -13.07 -29.20
N LYS A 307 8.57 -12.24 -28.64
CA LYS A 307 8.36 -10.79 -28.67
C LYS A 307 7.02 -10.21 -28.12
N LYS A 308 6.23 -11.00 -27.39
CA LYS A 308 5.01 -10.45 -26.80
C LYS A 308 5.13 -10.61 -25.26
N VAL A 309 4.80 -9.56 -24.54
CA VAL A 309 4.71 -9.62 -23.05
C VAL A 309 3.37 -10.34 -22.79
N THR A 310 3.44 -11.48 -22.13
CA THR A 310 2.23 -12.21 -21.77
C THR A 310 1.96 -12.21 -20.28
N ASP A 311 3.01 -12.03 -19.49
CA ASP A 311 2.85 -12.04 -18.00
C ASP A 311 3.86 -11.07 -17.41
N PHE A 312 3.60 -10.58 -16.18
CA PHE A 312 4.67 -9.78 -15.53
C PHE A 312 4.40 -9.88 -14.03
N PHE A 313 5.41 -9.55 -13.28
CA PHE A 313 5.18 -9.28 -11.82
C PHE A 313 6.09 -8.16 -11.37
N SER A 314 5.74 -7.54 -10.22
CA SER A 314 6.62 -6.46 -9.67
C SER A 314 6.63 -6.65 -8.15
N PHE A 315 7.69 -6.17 -7.50
CA PHE A 315 7.69 -6.11 -6.06
C PHE A 315 8.49 -4.89 -5.69
N TYR A 316 8.27 -4.38 -4.51
CA TYR A 316 9.09 -3.23 -4.05
C TYR A 316 9.76 -3.54 -2.71
N ARG A 317 10.82 -2.79 -2.38
CA ARG A 317 11.58 -3.09 -1.20
C ARG A 317 11.34 -2.05 -0.13
N ILE A 318 11.19 -2.50 1.12
CA ILE A 318 11.21 -1.59 2.29
C ILE A 318 11.99 -2.30 3.33
N PRO A 319 13.14 -1.75 3.75
CA PRO A 319 13.86 -2.34 4.86
C PRO A 319 13.21 -1.89 6.15
N SER A 320 13.34 -2.74 7.21
CA SER A 320 12.90 -2.30 8.52
C SER A 320 14.10 -2.34 9.44
N THR A 321 14.12 -1.35 10.30
CA THR A 321 15.01 -1.34 11.43
C THR A 321 14.65 -2.46 12.37
N VAL A 322 15.71 -3.19 12.81
CA VAL A 322 15.56 -4.21 13.84
C VAL A 322 16.04 -3.55 15.13
N ILE A 323 15.13 -3.34 16.05
CA ILE A 323 15.36 -2.51 17.24
C ILE A 323 16.18 -3.37 18.19
N GLY A 324 17.52 -3.12 18.24
CA GLY A 324 18.50 -3.78 19.14
C GLY A 324 18.87 -5.27 19.05
N ASN A 325 19.40 -5.71 17.91
CA ASN A 325 19.97 -7.06 17.77
C ASN A 325 21.52 -6.90 17.63
N SER A 326 22.30 -7.65 18.40
CA SER A 326 23.74 -7.55 18.28
C SER A 326 24.18 -7.84 16.85
N ASN A 327 23.46 -8.73 16.17
CA ASN A 327 23.90 -9.29 14.88
C ASN A 327 23.39 -8.53 13.65
N TYR A 328 22.15 -8.05 13.73
CA TYR A 328 21.44 -7.56 12.57
C TYR A 328 20.91 -6.15 12.75
N ASN A 329 21.17 -5.28 11.80
CA ASN A 329 20.58 -3.95 11.88
C ASN A 329 19.23 -3.85 11.11
N LEU A 330 19.08 -4.65 10.05
CA LEU A 330 18.03 -4.40 9.04
C LEU A 330 17.33 -5.68 8.64
N LEU A 331 15.99 -5.62 8.49
CA LEU A 331 15.25 -6.73 7.77
C LEU A 331 14.96 -6.26 6.36
N ASN A 332 15.42 -6.98 5.36
CA ASN A 332 15.27 -6.50 3.97
C ASN A 332 14.04 -7.23 3.40
N ALA A 333 12.91 -6.50 3.27
CA ALA A 333 11.63 -7.18 2.92
C ALA A 333 11.20 -6.75 1.53
N ALA A 334 10.70 -7.71 0.77
CA ALA A 334 10.13 -7.52 -0.56
C ALA A 334 8.60 -7.57 -0.43
N TYR A 335 7.90 -6.71 -1.13
CA TYR A 335 6.42 -6.65 -1.03
C TYR A 335 5.89 -6.89 -2.38
N VAL A 336 4.88 -7.80 -2.47
CA VAL A 336 4.30 -8.09 -3.77
C VAL A 336 3.56 -6.84 -4.24
N HIS A 337 3.75 -6.49 -5.52
CA HIS A 337 3.17 -5.26 -6.02
C HIS A 337 2.11 -5.68 -7.04
N TYR A 338 2.09 -5.12 -8.22
CA TYR A 338 1.06 -5.58 -9.21
C TYR A 338 1.62 -6.71 -10.05
N TYR A 339 0.72 -7.46 -10.70
CA TYR A 339 1.16 -8.54 -11.56
C TYR A 339 -0.02 -8.87 -12.50
N ALA A 340 0.29 -9.69 -13.49
CA ALA A 340 -0.83 -10.18 -14.37
C ALA A 340 -0.29 -11.40 -15.03
N ALA A 341 -1.11 -12.43 -15.08
CA ALA A 341 -0.69 -13.65 -15.78
C ALA A 341 -1.74 -13.99 -16.86
N THR A 342 -1.30 -14.19 -18.09
CA THR A 342 -2.27 -14.55 -19.12
C THR A 342 -1.89 -15.89 -19.72
N SER A 343 -0.67 -16.34 -19.54
CA SER A 343 -0.22 -17.55 -20.20
C SER A 343 0.26 -18.64 -19.27
N ILE A 344 0.54 -18.31 -18.01
CA ILE A 344 0.95 -19.35 -17.04
C ILE A 344 0.14 -19.19 -15.73
N PRO A 345 0.09 -20.26 -14.93
CA PRO A 345 -0.69 -20.13 -13.70
C PRO A 345 0.02 -19.16 -12.74
N LEU A 346 -0.78 -18.45 -11.99
CA LEU A 346 -0.25 -17.44 -11.11
C LEU A 346 0.75 -18.00 -10.11
N HIS A 347 0.55 -19.21 -9.56
CA HIS A 347 1.56 -19.75 -8.64
C HIS A 347 2.95 -19.94 -9.28
N GLN A 348 3.01 -20.20 -10.59
CA GLN A 348 4.23 -20.41 -11.25
C GLN A 348 4.93 -19.00 -11.51
N LEU A 349 4.11 -17.98 -11.70
CA LEU A 349 4.67 -16.61 -11.96
C LEU A 349 5.26 -16.10 -10.65
N ILE A 350 4.52 -16.35 -9.59
CA ILE A 350 4.97 -15.78 -8.27
C ILE A 350 6.11 -16.55 -7.69
N LEU A 351 6.20 -17.88 -8.03
CA LEU A 351 7.39 -18.59 -7.69
C LEU A 351 8.63 -17.88 -8.27
N ASP A 352 8.51 -17.41 -9.51
CA ASP A 352 9.68 -16.68 -10.06
C ASP A 352 9.93 -15.39 -9.31
N LEU A 353 8.88 -14.73 -8.85
CA LEU A 353 9.08 -13.59 -7.92
C LEU A 353 9.92 -13.95 -6.72
N LEU A 354 9.54 -15.03 -6.00
CA LEU A 354 10.31 -15.43 -4.81
C LEU A 354 11.74 -15.77 -5.12
N ILE A 355 11.98 -16.41 -6.28
CA ILE A 355 13.30 -16.82 -6.63
C ILE A 355 14.14 -15.60 -6.95
N VAL A 356 13.53 -14.66 -7.67
CA VAL A 356 14.24 -13.40 -7.92
C VAL A 356 14.57 -12.63 -6.65
N ALA A 357 13.60 -12.54 -5.75
CA ALA A 357 13.81 -11.77 -4.50
C ALA A 357 14.89 -12.44 -3.67
N HIS A 358 14.86 -13.78 -3.60
CA HIS A 358 15.82 -14.49 -2.79
C HIS A 358 17.25 -14.30 -3.34
N SER A 359 17.36 -14.32 -4.65
CA SER A 359 18.68 -14.24 -5.29
CA SER A 359 18.66 -14.22 -5.34
CA SER A 359 18.66 -14.22 -5.34
C SER A 359 19.23 -12.83 -5.10
N ARG A 360 18.33 -11.84 -4.90
CA ARG A 360 18.80 -10.47 -4.67
C ARG A 360 19.00 -10.13 -3.22
N GLY A 361 18.85 -11.09 -2.32
CA GLY A 361 19.26 -10.90 -0.95
C GLY A 361 18.15 -10.42 -0.03
N PHE A 362 16.88 -10.55 -0.44
CA PHE A 362 15.77 -10.27 0.49
C PHE A 362 15.54 -11.37 1.48
N ASP A 363 15.08 -11.04 2.68
CA ASP A 363 14.91 -11.99 3.77
C ASP A 363 13.51 -12.58 3.79
N VAL A 364 12.50 -11.85 3.30
CA VAL A 364 11.08 -12.23 3.46
C VAL A 364 10.28 -11.52 2.37
N CYS A 365 9.19 -12.19 1.90
CA CYS A 365 8.34 -11.57 0.91
C CYS A 365 7.00 -11.40 1.60
N ASN A 366 6.41 -10.21 1.51
CA ASN A 366 5.15 -9.90 2.20
C ASN A 366 4.07 -9.47 1.24
N MET A 367 2.79 -9.65 1.64
CA MET A 367 1.68 -9.22 0.82
C MET A 367 0.42 -9.19 1.71
N VAL A 368 -0.61 -8.55 1.19
CA VAL A 368 -1.97 -8.53 1.86
C VAL A 368 -2.84 -9.40 0.96
N GLU A 369 -3.93 -9.94 1.51
CA GLU A 369 -4.74 -10.90 0.71
C GLU A 369 -5.72 -10.13 -0.26
N ILE A 370 -5.21 -9.16 -1.01
CA ILE A 370 -5.95 -8.53 -2.10
C ILE A 370 -5.64 -9.21 -3.40
N LEU A 371 -6.16 -8.67 -4.51
CA LEU A 371 -5.91 -9.19 -5.86
C LEU A 371 -6.24 -10.73 -5.88
N ASP A 372 -5.41 -11.57 -6.43
CA ASP A 372 -5.61 -13.06 -6.38
C ASP A 372 -4.53 -13.69 -5.47
N ASN A 373 -4.10 -12.88 -4.50
CA ASN A 373 -2.99 -13.30 -3.68
C ASN A 373 -3.35 -14.60 -2.93
N ARG A 374 -4.63 -14.85 -2.62
CA ARG A 374 -4.99 -16.18 -2.00
C ARG A 374 -4.72 -17.41 -2.79
N SER A 375 -4.77 -17.28 -4.12
CA SER A 375 -4.54 -18.46 -4.96
CA SER A 375 -4.50 -18.41 -5.02
C SER A 375 -3.14 -19.03 -4.83
N PHE A 376 -2.19 -18.31 -4.22
CA PHE A 376 -0.92 -18.96 -4.23
C PHE A 376 -0.27 -19.13 -2.80
N VAL A 377 -1.05 -18.76 -1.80
CA VAL A 377 -0.58 -18.78 -0.39
C VAL A 377 -0.12 -20.19 0.00
N GLU A 378 -0.96 -21.21 -0.21
CA GLU A 378 -0.54 -22.59 0.22
C GLU A 378 0.62 -23.19 -0.52
N GLN A 379 0.54 -23.24 -1.86
CA GLN A 379 1.65 -23.78 -2.59
C GLN A 379 2.95 -23.06 -2.38
N LEU A 380 2.90 -21.74 -2.23
CA LEU A 380 4.15 -20.97 -2.16
C LEU A 380 4.62 -20.76 -0.70
N LYS A 381 3.92 -21.42 0.23
CA LYS A 381 4.34 -21.54 1.67
C LYS A 381 4.31 -20.14 2.33
N PHE A 382 3.37 -19.30 1.94
CA PHE A 382 3.08 -18.10 2.71
C PHE A 382 2.32 -18.47 3.98
N GLY A 383 2.65 -17.81 5.05
CA GLY A 383 1.91 -17.87 6.32
C GLY A 383 1.19 -16.57 6.64
N ALA A 384 -0.02 -16.66 7.17
CA ALA A 384 -0.70 -15.44 7.71
C ALA A 384 0.07 -14.85 8.87
N GLY A 385 0.30 -13.51 8.84
CA GLY A 385 0.87 -12.75 9.92
C GLY A 385 -0.12 -12.28 10.98
N ASP A 386 0.26 -11.26 11.74
CA ASP A 386 -0.59 -10.84 12.83
C ASP A 386 -1.51 -9.68 12.40
N GLY A 387 -2.75 -9.70 12.83
CA GLY A 387 -3.67 -8.58 12.57
C GLY A 387 -4.21 -8.47 11.13
N HIS A 388 -4.67 -7.27 10.75
CA HIS A 388 -5.36 -7.15 9.47
C HIS A 388 -5.06 -5.75 8.94
N LEU A 389 -5.12 -5.63 7.64
CA LEU A 389 -5.02 -4.26 7.03
C LEU A 389 -6.49 -3.90 6.67
N ARG A 390 -6.90 -2.67 6.96
CA ARG A 390 -8.24 -2.23 6.69
C ARG A 390 -8.15 -1.13 5.64
N TYR A 391 -9.16 -1.08 4.78
CA TYR A 391 -9.19 -0.15 3.63
C TYR A 391 -10.36 0.78 3.90
N TYR A 392 -10.17 2.04 3.67
CA TYR A 392 -11.16 3.04 3.99
C TYR A 392 -11.34 4.02 2.83
N PHE A 393 -12.53 4.59 2.71
CA PHE A 393 -12.67 5.83 1.95
C PHE A 393 -13.01 7.00 2.84
N TYR A 394 -12.67 8.21 2.42
CA TYR A 394 -13.13 9.43 3.01
C TYR A 394 -14.21 10.01 2.07
N ASN A 395 -15.40 10.30 2.64
CA ASN A 395 -16.53 10.89 1.81
C ASN A 395 -16.97 10.01 0.70
N TRP A 396 -17.11 8.75 0.98
CA TRP A 396 -17.59 7.78 0.03
C TRP A 396 -18.27 6.64 0.66
N ALA A 397 -19.58 6.64 0.51
CA ALA A 397 -20.33 5.54 0.96
C ALA A 397 -20.07 4.33 0.12
N TYR A 398 -19.81 3.22 0.75
CA TYR A 398 -19.45 2.04 -0.02
C TYR A 398 -19.85 0.67 0.65
N PRO A 399 -20.49 -0.29 -0.07
CA PRO A 399 -20.89 -1.58 0.54
C PRO A 399 -19.66 -2.37 0.94
N LYS A 400 -19.73 -3.13 2.01
CA LYS A 400 -18.60 -3.94 2.41
CA LYS A 400 -18.62 -4.00 2.43
C LYS A 400 -18.28 -4.88 1.29
N ILE A 401 -16.97 -5.03 0.95
CA ILE A 401 -16.55 -6.04 0.01
C ILE A 401 -15.46 -6.95 0.59
N LYS A 402 -15.24 -8.07 -0.08
CA LYS A 402 -14.21 -9.05 0.32
C LYS A 402 -12.82 -8.47 -0.16
N PRO A 403 -11.73 -8.84 0.52
CA PRO A 403 -10.44 -8.21 0.04
C PRO A 403 -9.99 -8.70 -1.30
N SER A 404 -10.50 -9.87 -1.71
CA SER A 404 -10.28 -10.32 -3.05
C SER A 404 -11.00 -9.49 -4.12
N GLN A 405 -11.70 -8.45 -3.77
CA GLN A 405 -12.39 -7.59 -4.77
C GLN A 405 -11.64 -6.26 -4.78
N VAL A 406 -10.47 -6.26 -4.08
CA VAL A 406 -9.70 -4.98 -3.97
C VAL A 406 -8.42 -5.11 -4.80
N ALA A 407 -8.09 -4.10 -5.62
CA ALA A 407 -6.89 -4.23 -6.49
C ALA A 407 -5.96 -3.03 -6.30
N LEU A 408 -6.15 -2.25 -5.25
CA LEU A 408 -5.27 -1.10 -4.99
C LEU A 408 -4.18 -1.52 -4.00
N VAL A 409 -2.93 -1.51 -4.47
CA VAL A 409 -1.77 -1.73 -3.54
C VAL A 409 -1.34 -0.43 -2.89
N MET A 410 -1.24 -0.42 -1.56
CA MET A 410 -0.84 0.78 -0.84
CA MET A 410 -0.80 0.81 -0.87
C MET A 410 0.63 0.69 -0.39
N LEU A 411 1.44 1.68 -0.76
CA LEU A 411 2.89 1.58 -0.51
C LEU A 411 3.36 1.92 0.94
#